data_6S26
#
_entry.id   6S26
#
_cell.length_a   93.776
_cell.length_b   116.478
_cell.length_c   35.845
_cell.angle_alpha   90.000
_cell.angle_beta   90.000
_cell.angle_gamma   90.000
#
_symmetry.space_group_name_H-M   'P 21 21 2'
#
loop_
_entity.id
_entity.type
_entity.pdbx_description
1 polymer 'Stimulator of interferon protein'
2 non-polymer 2-azanyl-9-[(1~{R},6~{R},8~{R},9~{R},10~{S},15~{R},17~{R},18~{R})-8-(4-azanylpyrrolo[2,3-d]pyrimidin-7-yl)-3,9,12,18-tetrakis(oxidanyl)-3,12-bis(oxidanylidene)-2,4,7,11,13,16-hexaoxa-3$l^{5},12$l^{5}-diphosphatricyclo[13.2.1.0^{6,10}]octadecan-17-yl]-1~{H}-purin-6-one
3 water water
#
_entity_poly.entity_id   1
_entity_poly.type   'polypeptide(L)'
_entity_poly.pdbx_seq_one_letter_code
;APAEISAVCEKGNFNVAHGLAWSYYIGYLRLILPELQARIRTYNQHYNNLLRGAVSQRLYILLPLDCGVPDNLSMADPNI
RFLDKLPQQTGDRAGIKDRVYSNSIYELLENGQRAGTCVLEYATPLQTLFAMSQYSQAGFSREDRLEQAKLFCRTLEDIL
ADAPESQNNCRLIAYQEPADDSSFSLSQEVLRHLRQEEKEEVTV
;
_entity_poly.pdbx_strand_id   A,B
#
loop_
_chem_comp.id
_chem_comp.type
_chem_comp.name
_chem_comp.formula
KT2 non-polymer 2-azanyl-9-[(1~{R},6~{R},8~{R},9~{R},10~{S},15~{R},17~{R},18~{R})-8-(4-azanylpyrrolo[2,3-d]pyrimidin-7-yl)-3,9,12,18-tetrakis(oxidanyl)-3,12-bis(oxidanylidene)-2,4,7,11,13,16-hexaoxa-3$l^{5},12$l^{5}-diphosphatricyclo[13.2.1.0^{6,10}]octadecan-17-yl]-1~{H}-purin-6-one 'C21 H25 N9 O13 P2'
#
# COMPACT_ATOMS: atom_id res chain seq x y z
N LYS A 11 -15.17 16.13 -12.25
CA LYS A 11 -13.82 16.07 -12.81
C LYS A 11 -12.75 16.08 -11.71
N GLY A 12 -13.10 16.64 -10.55
CA GLY A 12 -12.22 16.50 -9.38
C GLY A 12 -12.39 15.19 -8.65
N ASN A 13 -13.58 14.58 -8.74
CA ASN A 13 -13.72 13.18 -8.36
C ASN A 13 -13.00 12.27 -9.35
N PHE A 14 -12.89 12.72 -10.61
CA PHE A 14 -12.08 12.01 -11.59
C PHE A 14 -10.63 12.00 -11.17
N ASN A 15 -10.10 13.15 -10.76
CA ASN A 15 -8.68 13.23 -10.50
C ASN A 15 -8.27 12.40 -9.30
N VAL A 16 -9.05 12.43 -8.21
CA VAL A 16 -8.71 11.63 -7.05
C VAL A 16 -8.71 10.14 -7.41
N ALA A 17 -9.79 9.70 -8.06
CA ALA A 17 -9.97 8.29 -8.36
C ALA A 17 -8.95 7.79 -9.36
N HIS A 18 -8.72 8.58 -10.39
CA HIS A 18 -7.66 8.32 -11.35
C HIS A 18 -6.34 8.11 -10.63
N GLY A 19 -6.03 8.99 -9.66
CA GLY A 19 -4.77 8.87 -8.97
C GLY A 19 -4.66 7.62 -8.14
N LEU A 20 -5.74 7.25 -7.44
CA LEU A 20 -5.65 6.08 -6.58
C LEU A 20 -5.59 4.80 -7.42
N ALA A 21 -6.23 4.80 -8.59
CA ALA A 21 -6.22 3.59 -9.40
C ALA A 21 -4.85 3.34 -9.97
N TRP A 22 -4.21 4.43 -10.46
CA TRP A 22 -2.83 4.33 -10.92
C TRP A 22 -1.91 3.94 -9.79
N SER A 23 -2.12 4.49 -8.60
CA SER A 23 -1.30 4.11 -7.46
C SER A 23 -1.41 2.62 -7.20
N TYR A 24 -2.65 2.12 -7.23
CA TYR A 24 -2.92 0.72 -6.99
C TYR A 24 -2.24 -0.18 -8.01
N TYR A 25 -2.20 0.25 -9.27
CA TYR A 25 -1.53 -0.53 -10.30
C TYR A 25 -0.02 -0.45 -10.13
N ILE A 26 0.51 0.77 -10.06
CA ILE A 26 1.94 0.98 -10.02
C ILE A 26 2.55 0.36 -8.78
N GLY A 27 1.90 0.50 -7.64
CA GLY A 27 2.47 0.06 -6.39
C GLY A 27 2.12 -1.33 -5.95
N TYR A 28 1.17 -1.99 -6.61
CA TYR A 28 0.78 -3.33 -6.16
C TYR A 28 0.50 -4.32 -7.28
N LEU A 29 -0.53 -4.08 -8.10
CA LEU A 29 -0.90 -5.06 -9.11
C LEU A 29 0.28 -5.34 -10.06
N ARG A 30 0.95 -4.28 -10.54
CA ARG A 30 2.05 -4.53 -11.48
C ARG A 30 3.19 -5.29 -10.83
N LEU A 31 3.32 -5.20 -9.51
CA LEU A 31 4.36 -5.92 -8.81
C LEU A 31 3.96 -7.35 -8.50
N ILE A 32 2.69 -7.61 -8.16
CA ILE A 32 2.33 -8.98 -7.76
C ILE A 32 1.70 -9.82 -8.87
N LEU A 33 1.03 -9.22 -9.84
CA LEU A 33 0.35 -10.07 -10.81
C LEU A 33 1.34 -10.90 -11.64
N PRO A 34 2.54 -10.42 -11.99
CA PRO A 34 3.45 -11.28 -12.77
C PRO A 34 3.72 -12.63 -12.15
N GLU A 35 3.88 -12.70 -10.84
CA GLU A 35 4.29 -13.94 -10.20
CA GLU A 35 4.30 -13.92 -10.15
C GLU A 35 3.14 -14.64 -9.49
N LEU A 36 1.91 -14.11 -9.63
CA LEU A 36 0.78 -14.66 -8.91
C LEU A 36 0.50 -16.10 -9.29
N GLN A 37 0.39 -16.38 -10.58
CA GLN A 37 0.01 -17.73 -11.00
C GLN A 37 1.06 -18.76 -10.60
N ALA A 38 2.33 -18.40 -10.67
CA ALA A 38 3.37 -19.23 -10.08
C ALA A 38 3.12 -19.54 -8.60
N ARG A 39 2.74 -18.55 -7.83
CA ARG A 39 2.55 -18.81 -6.40
C ARG A 39 1.35 -19.71 -6.21
N ILE A 40 0.26 -19.44 -6.93
CA ILE A 40 -0.93 -20.27 -6.89
C ILE A 40 -0.61 -21.70 -7.33
N ARG A 41 0.09 -21.85 -8.47
CA ARG A 41 0.47 -23.17 -8.94
C ARG A 41 1.32 -23.90 -7.91
N THR A 42 2.30 -23.21 -7.31
CA THR A 42 3.09 -23.82 -6.26
C THR A 42 2.20 -24.30 -5.13
N TYR A 43 1.17 -23.52 -4.80
CA TYR A 43 0.30 -23.87 -3.69
C TYR A 43 -0.50 -25.11 -4.05
N ASN A 44 -1.02 -25.18 -5.27
CA ASN A 44 -1.87 -26.28 -5.65
C ASN A 44 -1.07 -27.57 -5.81
N GLN A 45 0.14 -27.48 -6.35
CA GLN A 45 0.91 -28.69 -6.60
C GLN A 45 1.30 -29.35 -5.28
N HIS A 46 1.77 -28.56 -4.33
CA HIS A 46 2.43 -29.14 -3.17
C HIS A 46 1.56 -29.17 -1.93
N TYR A 47 0.60 -28.26 -1.80
CA TYR A 47 -0.17 -28.16 -0.54
C TYR A 47 -1.66 -28.47 -0.68
N ASN A 48 -2.24 -28.49 -1.86
CA ASN A 48 -3.70 -28.69 -2.00
C ASN A 48 -4.02 -29.67 -3.12
N ASN A 49 -4.09 -30.96 -2.81
CA ASN A 49 -4.33 -32.03 -3.82
C ASN A 49 -5.81 -32.42 -3.87
N LEU A 50 -6.74 -31.50 -3.62
CA LEU A 50 -8.19 -31.72 -3.65
C LEU A 50 -8.59 -31.51 -5.10
N LEU A 51 -9.07 -32.57 -5.73
CA LEU A 51 -9.24 -32.60 -7.17
C LEU A 51 -10.31 -31.62 -7.65
N ARG A 52 -11.29 -31.28 -6.80
CA ARG A 52 -12.26 -30.24 -7.09
C ARG A 52 -12.08 -29.00 -6.18
N GLY A 53 -10.91 -28.83 -5.56
CA GLY A 53 -10.70 -27.73 -4.65
C GLY A 53 -9.44 -26.93 -4.92
N ALA A 54 -8.96 -26.99 -6.14
CA ALA A 54 -7.82 -26.18 -6.52
C ALA A 54 -8.13 -24.70 -6.29
N VAL A 55 -7.14 -23.97 -5.81
CA VAL A 55 -7.21 -22.52 -5.81
C VAL A 55 -7.29 -22.04 -7.24
N SER A 56 -8.28 -21.20 -7.54
CA SER A 56 -8.40 -20.66 -8.88
C SER A 56 -7.24 -19.73 -9.21
N GLN A 57 -7.07 -19.51 -10.50
CA GLN A 57 -5.88 -18.89 -11.06
C GLN A 57 -5.88 -17.37 -11.03
N ARG A 58 -6.96 -16.74 -10.61
CA ARG A 58 -7.04 -15.28 -10.63
C ARG A 58 -7.13 -14.73 -9.21
N LEU A 59 -6.56 -13.55 -9.04
CA LEU A 59 -6.79 -12.71 -7.88
C LEU A 59 -8.16 -12.07 -8.02
N TYR A 60 -9.04 -12.34 -7.07
CA TYR A 60 -10.36 -11.74 -7.04
C TYR A 60 -10.33 -10.52 -6.14
N ILE A 61 -10.72 -9.38 -6.70
CA ILE A 61 -10.62 -8.10 -6.03
C ILE A 61 -12.06 -7.59 -5.86
N LEU A 62 -12.46 -7.43 -4.61
CA LEU A 62 -13.77 -6.93 -4.26
C LEU A 62 -13.79 -5.41 -4.30
N LEU A 63 -14.77 -4.86 -5.01
CA LEU A 63 -14.95 -3.41 -5.12
C LEU A 63 -16.39 -3.09 -4.75
N PRO A 64 -16.72 -3.14 -3.46
CA PRO A 64 -17.99 -2.59 -3.00
C PRO A 64 -18.05 -1.11 -3.35
N LEU A 65 -19.04 -0.74 -4.15
CA LEU A 65 -19.11 0.64 -4.64
C LEU A 65 -19.46 1.66 -3.54
N ASP A 66 -19.88 1.24 -2.35
CA ASP A 66 -20.07 2.21 -1.27
C ASP A 66 -18.79 2.44 -0.46
N CYS A 67 -17.69 1.77 -0.83
CA CYS A 67 -16.38 1.89 -0.18
C CYS A 67 -16.41 1.38 1.25
N GLY A 68 -17.40 0.57 1.58
CA GLY A 68 -17.46 -0.07 2.87
C GLY A 68 -16.62 -1.34 2.89
N VAL A 69 -15.44 -1.25 3.49
CA VAL A 69 -14.41 -2.28 3.43
C VAL A 69 -14.13 -2.79 4.82
N PRO A 70 -14.70 -3.88 5.28
CA PRO A 70 -14.30 -4.48 6.54
C PRO A 70 -12.92 -5.10 6.42
N ASP A 71 -12.19 -5.11 7.53
CA ASP A 71 -10.86 -5.70 7.55
C ASP A 71 -10.89 -7.21 7.67
N ASN A 72 -11.96 -7.78 8.19
CA ASN A 72 -12.12 -9.20 8.25
C ASN A 72 -13.18 -9.61 7.23
N LEU A 73 -12.74 -10.35 6.20
CA LEU A 73 -13.65 -10.83 5.16
C LEU A 73 -14.56 -11.93 5.68
N SER A 74 -14.02 -12.79 6.53
CA SER A 74 -14.74 -13.95 7.10
C SER A 74 -15.90 -13.47 7.95
N MET A 75 -15.76 -12.36 8.67
CA MET A 75 -16.82 -11.80 9.55
C MET A 75 -17.99 -11.30 8.71
N ALA A 76 -17.72 -10.83 7.50
CA ALA A 76 -18.74 -10.31 6.55
C ALA A 76 -19.72 -11.41 6.12
N ASP A 77 -19.29 -12.67 5.95
CA ASP A 77 -20.17 -13.78 5.49
C ASP A 77 -19.84 -15.11 6.18
N PRO A 78 -20.78 -15.90 6.75
CA PRO A 78 -20.44 -17.20 7.35
C PRO A 78 -19.90 -18.26 6.38
N ASN A 79 -20.26 -18.15 5.11
CA ASN A 79 -19.90 -19.08 4.01
C ASN A 79 -18.53 -18.72 3.42
N ILE A 80 -17.85 -17.70 3.92
CA ILE A 80 -16.45 -17.48 3.59
C ILE A 80 -15.62 -17.90 4.80
N ARG A 81 -14.68 -18.80 4.57
CA ARG A 81 -13.81 -19.31 5.64
C ARG A 81 -12.36 -19.03 5.25
N PHE A 82 -11.61 -18.44 6.15
CA PHE A 82 -10.18 -18.29 5.87
C PHE A 82 -9.45 -19.63 5.86
N LEU A 83 -8.74 -19.90 4.76
CA LEU A 83 -8.04 -21.16 4.60
C LEU A 83 -6.52 -21.14 4.77
N ASP A 84 -5.83 -20.27 4.04
CA ASP A 84 -4.37 -20.30 4.08
C ASP A 84 -3.86 -19.05 3.40
N LYS A 85 -2.55 -18.89 3.41
CA LYS A 85 -1.88 -17.82 2.69
C LYS A 85 -1.12 -18.44 1.54
N LEU A 86 -1.05 -17.70 0.45
CA LEU A 86 -0.06 -18.00 -0.57
C LEU A 86 1.31 -17.82 0.04
N PRO A 87 2.32 -18.45 -0.55
CA PRO A 87 3.69 -18.08 -0.21
C PRO A 87 3.87 -16.56 -0.31
N GLN A 88 4.51 -15.97 0.70
CA GLN A 88 4.75 -14.54 0.69
C GLN A 88 5.63 -14.14 -0.49
N GLN A 89 5.51 -12.89 -0.93
CA GLN A 89 6.41 -12.30 -1.92
C GLN A 89 7.10 -11.11 -1.27
N THR A 90 8.44 -11.01 -1.43
CA THR A 90 9.23 -9.96 -0.81
C THR A 90 9.97 -9.13 -1.86
N GLY A 91 10.16 -7.85 -1.54
CA GLY A 91 10.86 -6.92 -2.38
C GLY A 91 11.41 -5.77 -1.55
N ASP A 92 12.62 -5.31 -1.88
CA ASP A 92 13.13 -4.06 -1.30
C ASP A 92 12.41 -2.88 -1.95
N ARG A 93 11.78 -2.02 -1.15
CA ARG A 93 10.92 -0.99 -1.73
C ARG A 93 11.12 0.32 -1.00
N ALA A 94 11.64 1.32 -1.74
CA ALA A 94 11.75 2.68 -1.25
C ALA A 94 12.46 2.75 0.10
N GLY A 95 13.51 1.98 0.25
CA GLY A 95 14.28 2.00 1.46
C GLY A 95 13.84 1.00 2.50
N ILE A 96 12.73 0.30 2.28
CA ILE A 96 12.27 -0.77 3.18
C ILE A 96 12.86 -2.09 2.69
N LYS A 97 13.72 -2.71 3.48
CA LYS A 97 14.23 -4.04 3.12
C LYS A 97 13.14 -5.09 3.29
N ASP A 98 13.02 -5.99 2.31
CA ASP A 98 12.12 -7.13 2.45
C ASP A 98 10.71 -6.70 2.85
N ARG A 99 10.17 -5.70 2.12
CA ARG A 99 8.74 -5.41 2.23
C ARG A 99 7.95 -6.63 1.75
N VAL A 100 6.87 -6.95 2.47
CA VAL A 100 6.15 -8.20 2.32
C VAL A 100 4.83 -7.94 1.59
N TYR A 101 4.62 -8.68 0.52
CA TYR A 101 3.34 -8.73 -0.19
C TYR A 101 2.70 -10.08 0.07
N SER A 102 1.52 -10.07 0.67
CA SER A 102 0.85 -11.28 1.15
C SER A 102 -0.58 -11.30 0.63
N ASN A 103 -1.06 -12.52 0.34
CA ASN A 103 -2.42 -12.73 -0.12
C ASN A 103 -3.03 -13.96 0.57
N SER A 104 -4.32 -13.89 0.83
CA SER A 104 -5.09 -14.86 1.59
C SER A 104 -6.00 -15.67 0.69
N ILE A 105 -6.06 -16.98 0.95
CA ILE A 105 -6.88 -17.94 0.23
C ILE A 105 -8.11 -18.22 1.08
N TYR A 106 -9.30 -18.18 0.45
CA TYR A 106 -10.56 -18.39 1.13
C TYR A 106 -11.32 -19.55 0.51
N GLU A 107 -12.04 -20.29 1.33
CA GLU A 107 -12.95 -21.29 0.80
C GLU A 107 -14.33 -20.68 0.80
N LEU A 108 -15.05 -20.88 -0.27
CA LEU A 108 -16.40 -20.34 -0.44
C LEU A 108 -17.37 -21.49 -0.26
N LEU A 109 -18.27 -21.36 0.70
CA LEU A 109 -19.17 -22.44 1.09
C LEU A 109 -20.55 -22.21 0.54
N GLU A 110 -21.19 -23.30 0.13
CA GLU A 110 -22.54 -23.30 -0.42
C GLU A 110 -23.20 -24.61 0.00
N ASN A 111 -24.35 -24.52 0.66
CA ASN A 111 -25.03 -25.69 1.22
C ASN A 111 -24.05 -26.57 1.99
N GLY A 112 -23.25 -25.96 2.85
CA GLY A 112 -22.30 -26.69 3.65
C GLY A 112 -21.20 -27.42 2.89
N GLN A 113 -21.04 -27.17 1.59
CA GLN A 113 -20.00 -27.78 0.79
C GLN A 113 -18.99 -26.72 0.36
N ARG A 114 -17.72 -27.12 0.24
CA ARG A 114 -16.69 -26.22 -0.29
C ARG A 114 -16.91 -26.06 -1.80
N ALA A 115 -17.56 -24.96 -2.20
CA ALA A 115 -17.95 -24.75 -3.59
C ALA A 115 -16.93 -23.94 -4.40
N GLY A 116 -16.04 -23.22 -3.74
CA GLY A 116 -15.00 -22.49 -4.44
C GLY A 116 -13.85 -22.21 -3.52
N THR A 117 -12.65 -22.09 -4.12
CA THR A 117 -11.44 -21.75 -3.38
C THR A 117 -10.64 -20.71 -4.17
N CYS A 118 -10.37 -19.53 -3.57
CA CYS A 118 -9.71 -18.50 -4.34
C CYS A 118 -8.93 -17.52 -3.48
N VAL A 119 -8.04 -16.81 -4.15
CA VAL A 119 -7.31 -15.69 -3.57
C VAL A 119 -8.20 -14.45 -3.67
N LEU A 120 -8.49 -13.84 -2.53
CA LEU A 120 -9.59 -12.89 -2.43
C LEU A 120 -9.19 -11.80 -1.46
N GLU A 121 -9.57 -10.56 -1.78
CA GLU A 121 -9.27 -9.39 -0.96
C GLU A 121 -10.09 -8.22 -1.48
N TYR A 122 -10.28 -7.22 -0.61
CA TYR A 122 -10.84 -5.95 -1.06
C TYR A 122 -9.77 -5.08 -1.70
N ALA A 123 -10.19 -4.20 -2.59
CA ALA A 123 -9.35 -3.13 -3.11
C ALA A 123 -9.13 -2.09 -2.02
N THR A 124 -7.94 -2.09 -1.44
CA THR A 124 -7.66 -1.26 -0.27
C THR A 124 -7.80 0.24 -0.55
N PRO A 125 -7.62 0.76 -1.76
CA PRO A 125 -7.90 2.19 -1.96
C PRO A 125 -9.32 2.60 -1.60
N LEU A 126 -10.30 1.70 -1.63
CA LEU A 126 -11.66 2.14 -1.30
C LEU A 126 -11.73 2.60 0.15
N GLN A 127 -10.83 2.11 1.02
CA GLN A 127 -10.77 2.59 2.38
C GLN A 127 -10.36 4.06 2.46
N THR A 128 -9.52 4.51 1.53
CA THR A 128 -9.15 5.93 1.52
C THR A 128 -10.29 6.79 0.99
N LEU A 129 -10.97 6.35 -0.09
CA LEU A 129 -12.16 7.06 -0.54
C LEU A 129 -13.16 7.21 0.60
N PHE A 130 -13.36 6.14 1.37
CA PHE A 130 -14.29 6.24 2.48
C PHE A 130 -13.83 7.28 3.52
N ALA A 131 -12.58 7.20 3.97
CA ALA A 131 -12.08 8.18 4.93
C ALA A 131 -12.23 9.61 4.44
N MET A 132 -11.86 9.89 3.18
CA MET A 132 -11.90 11.27 2.76
C MET A 132 -13.34 11.79 2.66
N SER A 133 -14.35 10.91 2.65
CA SER A 133 -15.72 11.37 2.77
C SER A 133 -16.15 11.49 4.22
N GLN A 134 -15.31 11.01 5.15
CA GLN A 134 -15.59 11.09 6.57
C GLN A 134 -14.96 12.30 7.23
N TYR A 135 -13.77 12.73 6.79
CA TYR A 135 -13.01 13.76 7.49
C TYR A 135 -13.09 15.10 6.78
N SER A 136 -13.42 16.12 7.58
CA SER A 136 -13.61 17.48 7.08
C SER A 136 -12.42 17.96 6.26
N GLN A 137 -11.19 17.72 6.75
CA GLN A 137 -10.01 18.28 6.09
C GLN A 137 -9.88 17.78 4.66
N ALA A 138 -10.48 16.64 4.34
CA ALA A 138 -10.53 16.16 2.97
C ALA A 138 -11.73 16.75 2.24
N GLY A 139 -12.88 16.81 2.90
CA GLY A 139 -13.98 17.62 2.43
C GLY A 139 -14.99 16.92 1.54
N PHE A 140 -14.66 15.75 1.00
CA PHE A 140 -15.53 15.17 0.00
C PHE A 140 -16.86 14.75 0.62
N SER A 141 -17.88 14.94 -0.20
CA SER A 141 -19.23 14.45 -0.04
C SER A 141 -19.29 12.94 -0.10
N ARG A 142 -20.31 12.39 0.54
CA ARG A 142 -20.65 11.00 0.30
C ARG A 142 -20.96 10.75 -1.16
N GLU A 143 -21.63 11.68 -1.83
CA GLU A 143 -21.91 11.49 -3.26
C GLU A 143 -20.63 11.61 -4.10
N ASP A 144 -19.68 12.43 -3.65
CA ASP A 144 -18.35 12.39 -4.25
C ASP A 144 -17.74 11.00 -4.12
N ARG A 145 -17.82 10.45 -2.91
CA ARG A 145 -17.28 9.12 -2.68
C ARG A 145 -17.82 8.13 -3.70
N LEU A 146 -19.15 8.03 -3.81
CA LEU A 146 -19.78 7.12 -4.75
C LEU A 146 -19.31 7.38 -6.17
N GLU A 147 -19.19 8.65 -6.54
CA GLU A 147 -18.69 8.98 -7.87
C GLU A 147 -17.25 8.52 -8.04
N GLN A 148 -16.41 8.75 -7.03
CA GLN A 148 -15.00 8.40 -7.12
C GLN A 148 -14.79 6.90 -7.21
N ALA A 149 -15.63 6.14 -6.51
CA ALA A 149 -15.55 4.68 -6.52
C ALA A 149 -15.83 4.12 -7.91
N LYS A 150 -16.87 4.63 -8.57
CA LYS A 150 -17.17 4.19 -9.91
C LYS A 150 -16.02 4.53 -10.85
N LEU A 151 -15.46 5.73 -10.73
CA LEU A 151 -14.39 6.10 -11.62
C LEU A 151 -13.12 5.34 -11.27
N PHE A 152 -12.93 5.04 -9.99
CA PHE A 152 -11.81 4.17 -9.63
C PHE A 152 -11.92 2.82 -10.33
N CYS A 153 -13.08 2.19 -10.20
CA CYS A 153 -13.28 0.89 -10.88
CA CYS A 153 -13.27 0.89 -10.88
C CYS A 153 -13.07 1.03 -12.37
N ARG A 154 -13.63 2.07 -12.99
CA ARG A 154 -13.52 2.26 -14.42
C ARG A 154 -12.08 2.47 -14.85
N THR A 155 -11.34 3.31 -14.14
CA THR A 155 -9.94 3.53 -14.50
C THR A 155 -9.13 2.26 -14.31
N LEU A 156 -9.37 1.55 -13.20
CA LEU A 156 -8.65 0.31 -12.97
C LEU A 156 -8.94 -0.69 -14.08
N GLU A 157 -10.22 -0.79 -14.48
CA GLU A 157 -10.57 -1.64 -15.61
C GLU A 157 -9.78 -1.25 -16.85
N ASP A 158 -9.68 0.06 -17.11
CA ASP A 158 -8.90 0.54 -18.25
C ASP A 158 -7.45 0.17 -18.13
N ILE A 159 -6.86 0.35 -16.95
CA ILE A 159 -5.45 0.03 -16.79
C ILE A 159 -5.21 -1.44 -17.09
N LEU A 160 -6.02 -2.33 -16.49
CA LEU A 160 -5.75 -3.77 -16.57
C LEU A 160 -5.92 -4.29 -17.97
N ALA A 161 -6.87 -3.72 -18.72
CA ALA A 161 -7.12 -4.10 -20.09
C ALA A 161 -5.85 -4.03 -20.92
N ASP A 162 -5.03 -3.00 -20.70
CA ASP A 162 -3.82 -2.82 -21.50
C ASP A 162 -2.54 -3.19 -20.74
N ALA A 163 -2.66 -3.72 -19.53
CA ALA A 163 -1.45 -3.92 -18.74
C ALA A 163 -0.84 -5.28 -19.03
N PRO A 164 0.46 -5.35 -19.38
CA PRO A 164 1.03 -6.66 -19.74
C PRO A 164 1.01 -7.64 -18.58
N GLU A 165 1.10 -7.15 -17.34
CA GLU A 165 1.09 -8.02 -16.18
C GLU A 165 -0.27 -8.70 -15.97
N SER A 166 -1.34 -8.17 -16.54
CA SER A 166 -2.66 -8.77 -16.35
C SER A 166 -3.02 -9.71 -17.51
N GLN A 167 -2.88 -11.00 -17.28
CA GLN A 167 -3.13 -11.99 -18.32
C GLN A 167 -3.94 -13.12 -17.69
N ASN A 168 -5.26 -12.93 -17.67
CA ASN A 168 -6.18 -13.92 -17.10
C ASN A 168 -5.77 -14.30 -15.68
N ASN A 169 -5.38 -13.29 -14.90
CA ASN A 169 -4.91 -13.55 -13.54
C ASN A 169 -5.48 -12.54 -12.55
N CYS A 170 -6.51 -11.80 -12.94
CA CYS A 170 -7.12 -10.78 -12.08
C CYS A 170 -8.57 -10.60 -12.51
N ARG A 171 -9.45 -10.52 -11.53
CA ARG A 171 -10.85 -10.24 -11.82
C ARG A 171 -11.35 -9.24 -10.80
N LEU A 172 -11.92 -8.13 -11.29
CA LEU A 172 -12.62 -7.16 -10.44
C LEU A 172 -14.06 -7.58 -10.21
N ILE A 173 -14.50 -7.48 -8.97
CA ILE A 173 -15.87 -7.83 -8.60
C ILE A 173 -16.48 -6.59 -7.94
N ALA A 174 -17.19 -5.79 -8.75
CA ALA A 174 -17.86 -4.59 -8.31
C ALA A 174 -19.34 -4.87 -8.05
N TYR A 175 -19.87 -4.27 -6.99
CA TYR A 175 -21.22 -4.51 -6.55
C TYR A 175 -21.66 -3.38 -5.65
N GLN A 176 -22.98 -3.17 -5.57
CA GLN A 176 -23.54 -2.04 -4.85
C GLN A 176 -23.87 -2.32 -3.39
N GLU A 177 -23.97 -3.53 -3.00
CA GLU A 177 -24.58 -3.76 -1.69
C GLU A 177 -23.62 -3.43 -0.55
N PRO A 178 -24.12 -2.81 0.50
CA PRO A 178 -23.29 -2.67 1.73
C PRO A 178 -22.88 -4.05 2.24
N ALA A 179 -21.94 -4.04 3.18
CA ALA A 179 -21.59 -5.28 3.91
C ALA A 179 -22.60 -5.59 5.02
N ASP A 180 -23.36 -4.54 5.45
CA ASP A 180 -24.46 -4.56 6.44
C ASP A 180 -25.75 -5.21 5.95
N ASP A 181 -25.84 -5.72 4.76
CA ASP A 181 -27.16 -5.91 4.19
C ASP A 181 -27.66 -7.29 4.43
N SER A 182 -28.92 -7.41 4.85
CA SER A 182 -29.52 -8.63 5.31
C SER A 182 -29.53 -9.71 4.22
N SER A 183 -29.73 -9.30 2.96
CA SER A 183 -30.07 -10.21 1.88
C SER A 183 -28.94 -10.48 0.88
N PHE A 184 -27.72 -10.03 1.17
CA PHE A 184 -26.61 -10.11 0.23
C PHE A 184 -25.62 -11.15 0.73
N SER A 185 -25.23 -12.09 -0.14
CA SER A 185 -24.21 -13.06 0.18
C SER A 185 -22.94 -12.78 -0.63
N LEU A 186 -21.90 -12.34 0.07
CA LEU A 186 -20.62 -12.06 -0.58
C LEU A 186 -20.06 -13.30 -1.26
N SER A 187 -20.14 -14.46 -0.60
CA SER A 187 -19.62 -15.66 -1.23
C SER A 187 -20.39 -15.98 -2.51
N GLN A 188 -21.72 -15.80 -2.48
CA GLN A 188 -22.52 -16.03 -3.69
C GLN A 188 -22.12 -15.08 -4.82
N GLU A 189 -21.84 -13.81 -4.47
CA GLU A 189 -21.31 -12.87 -5.44
C GLU A 189 -20.01 -13.39 -6.06
N VAL A 190 -19.09 -13.85 -5.20
CA VAL A 190 -17.81 -14.33 -5.73
C VAL A 190 -18.02 -15.62 -6.52
N LEU A 191 -18.83 -16.54 -5.99
CA LEU A 191 -19.05 -17.82 -6.66
C LEU A 191 -19.61 -17.63 -8.07
N ARG A 192 -20.54 -16.68 -8.25
CA ARG A 192 -21.14 -16.52 -9.57
C ARG A 192 -20.10 -16.13 -10.61
N HIS A 193 -19.11 -15.30 -10.21
CA HIS A 193 -18.04 -14.94 -11.13
C HIS A 193 -17.09 -16.13 -11.34
N LEU A 194 -16.73 -16.81 -10.25
CA LEU A 194 -15.84 -17.96 -10.37
C LEU A 194 -16.39 -18.97 -11.38
N ARG A 195 -17.68 -19.33 -11.21
CA ARG A 195 -18.31 -20.32 -12.06
C ARG A 195 -18.43 -19.86 -13.52
N GLN A 196 -18.22 -18.58 -13.80
CA GLN A 196 -18.21 -18.09 -15.18
C GLN A 196 -16.90 -18.42 -15.90
N GLU A 197 -15.83 -18.74 -15.18
CA GLU A 197 -14.59 -19.25 -15.80
C GLU A 197 -14.45 -20.77 -15.64
N ASN B 15 -5.70 17.23 -7.50
CA ASN B 15 -6.48 16.38 -6.60
C ASN B 15 -5.87 14.98 -6.55
N VAL B 16 -4.97 14.66 -7.48
CA VAL B 16 -4.24 13.40 -7.40
C VAL B 16 -3.45 13.34 -6.08
N ALA B 17 -2.69 14.39 -5.76
CA ALA B 17 -1.86 14.36 -4.57
C ALA B 17 -2.67 14.27 -3.27
N HIS B 18 -3.90 14.79 -3.27
CA HIS B 18 -4.74 14.74 -2.07
C HIS B 18 -5.12 13.31 -1.74
N GLY B 19 -5.54 12.55 -2.75
CA GLY B 19 -5.82 11.14 -2.53
C GLY B 19 -4.62 10.39 -2.00
N LEU B 20 -3.46 10.61 -2.60
CA LEU B 20 -2.26 9.89 -2.24
C LEU B 20 -1.81 10.24 -0.82
N ALA B 21 -2.01 11.49 -0.40
CA ALA B 21 -1.64 11.90 0.93
C ALA B 21 -2.56 11.28 1.96
N TRP B 22 -3.88 11.36 1.74
CA TRP B 22 -4.82 10.69 2.64
C TRP B 22 -4.59 9.18 2.62
N SER B 23 -4.26 8.64 1.47
CA SER B 23 -3.93 7.22 1.40
C SER B 23 -2.78 6.87 2.32
N TYR B 24 -1.68 7.62 2.24
CA TYR B 24 -0.48 7.33 3.02
C TYR B 24 -0.77 7.44 4.50
N TYR B 25 -1.64 8.36 4.90
CA TYR B 25 -1.99 8.49 6.30
C TYR B 25 -2.94 7.37 6.72
N ILE B 26 -4.06 7.22 5.99
CA ILE B 26 -5.11 6.28 6.34
C ILE B 26 -4.60 4.84 6.27
N GLY B 27 -3.94 4.47 5.18
CA GLY B 27 -3.47 3.12 4.99
C GLY B 27 -2.11 2.79 5.56
N TYR B 28 -1.38 3.77 6.08
CA TYR B 28 -0.08 3.46 6.67
C TYR B 28 0.24 4.19 7.96
N LEU B 29 0.41 5.51 7.91
CA LEU B 29 0.95 6.27 9.06
C LEU B 29 0.06 6.10 10.29
N ARG B 30 -1.24 6.19 10.15
CA ARG B 30 -2.17 6.05 11.29
C ARG B 30 -2.08 4.63 11.88
N LEU B 31 -1.84 3.61 11.07
CA LEU B 31 -1.68 2.22 11.55
C LEU B 31 -0.35 1.97 12.28
N ILE B 32 0.78 2.49 11.82
CA ILE B 32 2.06 2.05 12.36
C ILE B 32 2.60 3.03 13.40
N LEU B 33 2.30 4.32 13.25
CA LEU B 33 2.83 5.31 14.19
C LEU B 33 2.40 5.02 15.63
N PRO B 34 1.19 4.53 15.89
CA PRO B 34 0.82 4.24 17.29
C PRO B 34 1.59 3.07 17.87
N GLU B 35 2.09 2.15 17.05
CA GLU B 35 2.86 1.00 17.55
C GLU B 35 4.37 1.20 17.41
N LEU B 36 4.80 2.34 16.89
CA LEU B 36 6.21 2.52 16.55
C LEU B 36 7.08 2.57 17.79
N GLN B 37 6.69 3.40 18.78
CA GLN B 37 7.54 3.60 19.96
C GLN B 37 7.81 2.28 20.69
N ALA B 38 6.89 1.31 20.61
CA ALA B 38 7.07 0.04 21.29
C ALA B 38 7.90 -0.96 20.50
N ARG B 39 7.83 -0.92 19.16
CA ARG B 39 8.70 -1.78 18.37
C ARG B 39 10.15 -1.34 18.53
N ILE B 40 10.37 -0.03 18.64
CA ILE B 40 11.71 0.49 18.86
C ILE B 40 12.20 0.11 20.26
N ARG B 41 11.33 0.19 21.27
CA ARG B 41 11.68 -0.24 22.62
C ARG B 41 12.00 -1.73 22.67
N THR B 42 11.27 -2.54 21.91
CA THR B 42 11.52 -4.00 21.85
C THR B 42 12.85 -4.25 21.16
N TYR B 43 13.20 -3.41 20.19
CA TYR B 43 14.46 -3.49 19.44
C TYR B 43 15.62 -3.18 20.38
N ASN B 44 15.41 -2.25 21.30
CA ASN B 44 16.46 -1.78 22.24
C ASN B 44 16.66 -2.81 23.36
N GLN B 45 17.35 -3.90 23.02
CA GLN B 45 17.74 -5.04 23.88
C GLN B 45 19.24 -4.93 24.18
N LEU B 51 23.96 -0.80 23.78
CA LEU B 51 25.41 -0.82 23.59
C LEU B 51 25.86 -0.23 22.25
N ARG B 52 25.22 -0.68 21.16
CA ARG B 52 25.53 -0.18 19.83
C ARG B 52 25.09 1.27 19.63
N GLY B 53 24.05 1.71 20.37
CA GLY B 53 23.42 3.00 20.15
C GLY B 53 21.90 2.90 20.20
N ALA B 54 21.26 3.81 20.91
CA ALA B 54 19.80 3.84 20.93
C ALA B 54 19.31 4.42 19.61
N VAL B 55 18.28 3.77 19.05
CA VAL B 55 17.62 4.34 17.88
C VAL B 55 16.89 5.60 18.31
N SER B 56 16.70 6.54 17.38
CA SER B 56 15.87 7.70 17.66
C SER B 56 14.40 7.28 17.73
N GLN B 57 13.60 8.03 18.49
CA GLN B 57 12.21 7.73 18.75
C GLN B 57 11.27 7.95 17.55
N ARG B 58 11.80 8.39 16.41
CA ARG B 58 10.96 8.92 15.35
C ARG B 58 11.19 8.20 14.03
N LEU B 59 10.12 8.01 13.30
CA LEU B 59 10.21 7.53 11.93
C LEU B 59 10.61 8.69 11.01
N TYR B 60 11.70 8.54 10.29
CA TYR B 60 12.17 9.57 9.37
C TYR B 60 11.72 9.23 7.96
N ILE B 61 10.96 10.13 7.35
CA ILE B 61 10.32 9.90 6.08
C ILE B 61 10.90 10.90 5.09
N LEU B 62 11.59 10.41 4.08
CA LEU B 62 12.20 11.27 3.09
C LEU B 62 11.20 11.62 1.99
N LEU B 63 11.12 12.92 1.65
CA LEU B 63 10.21 13.41 0.62
C LEU B 63 10.97 14.18 -0.44
N PRO B 64 11.76 13.48 -1.26
CA PRO B 64 12.40 14.12 -2.41
C PRO B 64 11.38 14.66 -3.41
N LEU B 65 11.39 16.00 -3.61
CA LEU B 65 10.41 16.60 -4.52
C LEU B 65 10.58 16.18 -5.98
N ASP B 66 11.77 15.74 -6.41
CA ASP B 66 11.89 15.24 -7.78
C ASP B 66 11.34 13.83 -7.93
N CYS B 67 10.87 13.25 -6.81
CA CYS B 67 10.25 11.93 -6.79
C CYS B 67 11.23 10.84 -7.26
N GLY B 68 12.52 11.10 -7.11
CA GLY B 68 13.52 10.09 -7.39
C GLY B 68 13.69 9.26 -6.14
N VAL B 69 13.16 8.05 -6.20
CA VAL B 69 13.06 7.20 -5.01
C VAL B 69 13.73 5.88 -5.31
N PRO B 70 15.00 5.74 -4.97
CA PRO B 70 15.68 4.46 -5.10
C PRO B 70 15.21 3.46 -4.07
N ASP B 71 15.16 2.18 -4.46
CA ASP B 71 14.73 1.17 -3.50
C ASP B 71 15.79 0.90 -2.43
N ASN B 72 17.05 1.13 -2.77
CA ASN B 72 18.15 1.02 -1.82
C ASN B 72 18.69 2.40 -1.46
N LEU B 73 18.58 2.75 -0.17
CA LEU B 73 19.02 4.07 0.30
C LEU B 73 20.52 4.30 0.07
N SER B 74 21.33 3.25 0.20
CA SER B 74 22.74 3.38 -0.13
C SER B 74 22.99 3.80 -1.57
N MET B 75 22.04 3.55 -2.47
CA MET B 75 22.20 4.06 -3.83
C MET B 75 22.11 5.58 -3.85
N ALA B 76 21.33 6.18 -2.94
CA ALA B 76 21.26 7.62 -2.87
C ALA B 76 22.46 8.21 -2.13
N ASP B 77 22.96 7.48 -1.14
CA ASP B 77 24.14 7.94 -0.39
C ASP B 77 24.81 6.72 0.24
N PRO B 78 26.06 6.41 -0.17
CA PRO B 78 26.76 5.24 0.42
C PRO B 78 27.02 5.37 1.90
N ASN B 79 26.86 6.54 2.47
CA ASN B 79 26.98 6.72 3.89
C ASN B 79 25.72 6.38 4.66
N ILE B 80 24.64 6.03 3.97
CA ILE B 80 23.44 5.47 4.59
C ILE B 80 23.57 3.99 4.40
N ARG B 81 23.73 3.23 5.51
CA ARG B 81 23.91 1.79 5.39
C ARG B 81 22.92 1.03 6.24
N PHE B 82 22.42 -0.05 5.69
CA PHE B 82 21.38 -0.80 6.35
C PHE B 82 21.95 -1.49 7.58
N LEU B 83 21.21 -1.45 8.65
CA LEU B 83 21.67 -2.09 9.86
C LEU B 83 20.79 -3.24 10.32
N ASP B 84 19.47 -3.09 10.27
CA ASP B 84 18.58 -4.13 10.78
C ASP B 84 17.12 -3.72 10.52
N LYS B 85 16.22 -4.66 10.78
CA LYS B 85 14.80 -4.39 10.71
C LYS B 85 14.22 -4.24 12.12
N LEU B 86 13.21 -3.40 12.23
CA LEU B 86 12.38 -3.46 13.41
C LEU B 86 11.72 -4.84 13.45
N PRO B 87 11.18 -5.24 14.58
CA PRO B 87 10.21 -6.35 14.57
C PRO B 87 8.99 -5.99 13.73
N GLN B 88 8.53 -6.97 12.95
CA GLN B 88 7.38 -6.74 12.07
C GLN B 88 6.10 -6.42 12.83
N GLN B 89 5.26 -5.56 12.24
CA GLN B 89 3.89 -5.36 12.67
C GLN B 89 2.95 -6.14 11.75
N THR B 90 1.98 -6.83 12.32
CA THR B 90 0.95 -7.49 11.50
C THR B 90 -0.44 -6.95 11.81
N GLY B 91 -1.28 -6.94 10.78
CA GLY B 91 -2.64 -6.48 10.91
C GLY B 91 -3.54 -7.11 9.87
N ASP B 92 -4.75 -7.50 10.24
CA ASP B 92 -5.75 -7.85 9.23
C ASP B 92 -6.22 -6.58 8.52
N ARG B 93 -6.25 -6.59 7.19
CA ARG B 93 -6.53 -5.38 6.43
C ARG B 93 -7.21 -5.72 5.11
N ALA B 94 -8.42 -5.21 4.92
CA ALA B 94 -9.10 -5.33 3.64
C ALA B 94 -9.11 -6.78 3.16
N GLY B 95 -9.31 -7.73 4.08
CA GLY B 95 -9.39 -9.13 3.71
C GLY B 95 -8.06 -9.87 3.62
N ILE B 96 -6.95 -9.19 3.81
CA ILE B 96 -5.64 -9.84 3.91
C ILE B 96 -5.39 -10.17 5.37
N LYS B 97 -5.24 -11.47 5.66
CA LYS B 97 -4.92 -11.88 7.01
CA LYS B 97 -4.91 -11.90 7.01
C LYS B 97 -3.44 -11.59 7.27
N ASP B 98 -3.17 -10.92 8.38
CA ASP B 98 -1.80 -10.64 8.80
C ASP B 98 -1.02 -9.96 7.68
N ARG B 99 -1.57 -8.84 7.20
CA ARG B 99 -0.77 -7.99 6.36
C ARG B 99 0.41 -7.50 7.18
N VAL B 100 1.57 -7.43 6.53
CA VAL B 100 2.83 -7.16 7.22
C VAL B 100 3.33 -5.76 6.91
N TYR B 101 3.68 -5.04 7.98
CA TYR B 101 4.27 -3.71 7.91
C TYR B 101 5.65 -3.78 8.55
N SER B 102 6.68 -3.54 7.73
CA SER B 102 8.08 -3.69 8.13
C SER B 102 8.80 -2.36 7.97
N ASN B 103 9.80 -2.13 8.82
CA ASN B 103 10.62 -0.93 8.71
C ASN B 103 12.08 -1.28 8.98
N SER B 104 12.94 -0.43 8.42
CA SER B 104 14.37 -0.70 8.34
C SER B 104 15.15 0.36 9.09
N ILE B 105 16.13 -0.10 9.85
CA ILE B 105 16.98 0.74 10.66
C ILE B 105 18.27 0.91 9.91
N TYR B 106 18.76 2.14 9.84
CA TYR B 106 19.95 2.46 9.05
C TYR B 106 20.96 3.18 9.91
N GLU B 107 22.23 2.98 9.61
CA GLU B 107 23.27 3.79 10.25
C GLU B 107 23.68 4.89 9.26
N LEU B 108 24.08 6.02 9.83
CA LEU B 108 24.57 7.17 9.06
C LEU B 108 26.06 7.36 9.37
N LEU B 109 26.90 7.19 8.34
CA LEU B 109 28.33 7.26 8.50
C LEU B 109 28.85 8.68 8.23
N GLU B 110 29.90 9.03 8.96
CA GLU B 110 30.63 10.29 8.83
C GLU B 110 32.10 9.91 8.96
N ASN B 111 32.86 10.07 7.87
CA ASN B 111 34.28 9.72 7.85
C ASN B 111 34.47 8.26 8.20
N GLY B 112 33.77 7.39 7.49
CA GLY B 112 33.87 5.97 7.67
C GLY B 112 33.28 5.41 8.95
N GLN B 113 32.74 6.25 9.85
CA GLN B 113 32.31 5.78 11.15
C GLN B 113 30.90 6.23 11.52
N ARG B 114 30.19 5.33 12.23
CA ARG B 114 28.79 5.56 12.56
C ARG B 114 28.62 6.83 13.36
N ALA B 115 27.74 7.70 12.87
CA ALA B 115 27.38 8.94 13.54
C ALA B 115 25.96 8.94 14.09
N GLY B 116 25.10 8.08 13.58
CA GLY B 116 23.75 8.01 14.10
C GLY B 116 23.07 6.81 13.51
N THR B 117 21.91 6.51 14.05
CA THR B 117 21.06 5.45 13.52
C THR B 117 19.61 5.90 13.68
N CYS B 118 18.78 5.55 12.72
CA CYS B 118 17.37 5.89 12.80
C CYS B 118 16.62 4.92 11.89
N VAL B 119 15.31 4.81 12.15
CA VAL B 119 14.38 4.19 11.21
C VAL B 119 14.11 5.20 10.10
N LEU B 120 14.30 4.78 8.86
CA LEU B 120 14.36 5.70 7.75
C LEU B 120 13.82 5.04 6.49
N GLU B 121 13.03 5.80 5.75
CA GLU B 121 12.46 5.34 4.49
C GLU B 121 12.01 6.55 3.68
N TYR B 122 11.77 6.30 2.39
CA TYR B 122 11.13 7.26 1.51
C TYR B 122 9.62 7.12 1.59
N ALA B 123 8.90 8.23 1.34
CA ALA B 123 7.46 8.18 1.14
C ALA B 123 7.16 7.49 -0.21
N THR B 124 6.63 6.28 -0.16
CA THR B 124 6.44 5.53 -1.40
C THR B 124 5.43 6.17 -2.37
N PRO B 125 4.42 6.91 -1.93
CA PRO B 125 3.57 7.58 -2.92
C PRO B 125 4.34 8.46 -3.91
N LEU B 126 5.48 9.02 -3.49
CA LEU B 126 6.26 9.83 -4.43
C LEU B 126 6.86 8.98 -5.55
N GLN B 127 7.24 7.73 -5.23
CA GLN B 127 7.66 6.79 -6.26
C GLN B 127 6.51 6.49 -7.19
N THR B 128 5.32 6.42 -6.64
CA THR B 128 4.13 6.21 -7.46
C THR B 128 3.85 7.41 -8.37
N LEU B 129 4.01 8.64 -7.86
CA LEU B 129 3.83 9.79 -8.74
C LEU B 129 4.82 9.75 -9.88
N PHE B 130 6.07 9.36 -9.61
CA PHE B 130 7.10 9.31 -10.64
C PHE B 130 6.72 8.30 -11.73
N ALA B 131 6.35 7.09 -11.30
CA ALA B 131 6.05 6.06 -12.29
C ALA B 131 4.80 6.42 -13.03
N MET B 132 3.82 6.98 -12.33
CA MET B 132 2.63 7.55 -12.96
CA MET B 132 2.65 7.56 -12.95
C MET B 132 3.01 8.42 -14.15
N SER B 133 3.89 9.39 -13.93
CA SER B 133 4.28 10.36 -14.95
C SER B 133 5.08 9.74 -16.09
N GLN B 134 5.61 8.54 -15.90
CA GLN B 134 6.25 7.82 -16.98
C GLN B 134 5.27 7.07 -17.89
N TYR B 135 4.00 6.93 -17.51
CA TYR B 135 3.07 6.11 -18.28
C TYR B 135 2.15 7.05 -19.03
N SER B 136 2.11 6.91 -20.36
CA SER B 136 1.28 7.78 -21.19
C SER B 136 -0.18 7.79 -20.76
N GLN B 137 -0.72 6.63 -20.45
CA GLN B 137 -2.14 6.51 -20.12
C GLN B 137 -2.49 7.25 -18.83
N ALA B 138 -1.51 7.51 -17.95
CA ALA B 138 -1.79 8.31 -16.76
C ALA B 138 -2.00 9.78 -17.09
N GLY B 139 -1.40 10.28 -18.17
CA GLY B 139 -1.71 11.63 -18.59
C GLY B 139 -1.20 12.68 -17.63
N PHE B 140 0.09 12.56 -17.34
CA PHE B 140 0.74 13.24 -16.23
C PHE B 140 2.10 13.69 -16.74
N SER B 141 2.29 15.01 -16.84
CA SER B 141 3.55 15.56 -17.29
C SER B 141 4.53 15.65 -16.13
N ARG B 142 5.84 15.79 -16.48
CA ARG B 142 6.87 16.07 -15.48
C ARG B 142 6.51 17.30 -14.66
N GLU B 143 5.85 18.30 -15.27
CA GLU B 143 5.45 19.51 -14.54
C GLU B 143 4.30 19.23 -13.61
N ASP B 144 3.33 18.43 -14.09
CA ASP B 144 2.30 17.96 -13.18
C ASP B 144 2.95 17.29 -11.99
N ARG B 145 3.97 16.47 -12.25
CA ARG B 145 4.56 15.66 -11.20
C ARG B 145 5.11 16.51 -10.06
N LEU B 146 5.90 17.55 -10.39
CA LEU B 146 6.47 18.34 -9.31
C LEU B 146 5.37 19.07 -8.53
N GLU B 147 4.40 19.66 -9.24
CA GLU B 147 3.26 20.28 -8.59
C GLU B 147 2.54 19.30 -7.68
N GLN B 148 2.36 18.05 -8.09
CA GLN B 148 1.64 17.13 -7.19
C GLN B 148 2.54 16.60 -6.08
N ALA B 149 3.85 16.60 -6.29
CA ALA B 149 4.78 16.27 -5.24
C ALA B 149 4.67 17.27 -4.10
N LYS B 150 4.65 18.56 -4.44
CA LYS B 150 4.50 19.62 -3.46
C LYS B 150 3.16 19.51 -2.75
N LEU B 151 2.10 19.30 -3.52
CA LEU B 151 0.79 19.21 -2.89
C LEU B 151 0.72 18.01 -1.97
N PHE B 152 1.34 16.89 -2.36
CA PHE B 152 1.38 15.71 -1.50
C PHE B 152 2.05 16.03 -0.17
N CYS B 153 3.21 16.71 -0.22
CA CYS B 153 3.90 17.06 1.03
C CYS B 153 3.04 18.02 1.87
N ARG B 154 2.49 19.06 1.25
CA ARG B 154 1.67 20.02 2.01
C ARG B 154 0.42 19.35 2.60
N THR B 155 -0.23 18.48 1.85
CA THR B 155 -1.40 17.80 2.35
C THR B 155 -1.05 16.89 3.52
N LEU B 156 -0.04 16.02 3.32
CA LEU B 156 0.40 15.10 4.38
C LEU B 156 0.71 15.84 5.66
N GLU B 157 1.44 16.96 5.56
CA GLU B 157 1.83 17.75 6.71
C GLU B 157 0.60 18.32 7.42
N ASP B 158 -0.35 18.89 6.67
CA ASP B 158 -1.55 19.43 7.29
C ASP B 158 -2.34 18.33 7.99
N ILE B 159 -2.35 17.13 7.42
CA ILE B 159 -3.03 16.02 8.07
C ILE B 159 -2.33 15.66 9.37
N LEU B 160 -1.02 15.46 9.33
CA LEU B 160 -0.34 15.02 10.54
C LEU B 160 -0.36 16.09 11.62
N ALA B 161 -0.42 17.38 11.26
CA ALA B 161 -0.50 18.42 12.28
C ALA B 161 -1.67 18.16 13.23
N ASP B 162 -2.75 17.53 12.73
CA ASP B 162 -3.96 17.29 13.49
C ASP B 162 -4.13 15.84 13.91
N ALA B 163 -3.29 14.97 13.50
CA ALA B 163 -3.58 13.56 13.68
C ALA B 163 -3.24 13.16 15.10
N PRO B 164 -4.16 12.50 15.83
CA PRO B 164 -3.81 12.01 17.17
C PRO B 164 -2.62 11.07 17.17
N GLU B 165 -2.46 10.25 16.12
CA GLU B 165 -1.41 9.24 16.10
C GLU B 165 -0.02 9.85 15.96
N SER B 166 0.11 10.98 15.26
CA SER B 166 1.36 11.73 15.21
C SER B 166 1.59 12.42 16.55
N GLN B 167 2.48 11.85 17.35
CA GLN B 167 2.86 12.42 18.63
C GLN B 167 4.38 12.43 18.74
N ASN B 168 5.03 13.31 17.99
CA ASN B 168 6.49 13.38 18.02
C ASN B 168 7.09 12.01 17.71
N ASN B 169 6.46 11.28 16.79
CA ASN B 169 6.93 9.94 16.43
C ASN B 169 7.25 9.85 14.95
N CYS B 170 7.40 10.99 14.30
CA CYS B 170 7.57 11.02 12.85
C CYS B 170 8.22 12.33 12.47
N ARG B 171 9.17 12.28 11.53
CA ARG B 171 9.85 13.46 11.03
C ARG B 171 9.93 13.44 9.53
N LEU B 172 9.31 14.40 8.86
CA LEU B 172 9.30 14.48 7.41
C LEU B 172 10.42 15.39 6.93
N ILE B 173 11.15 14.96 5.91
CA ILE B 173 12.18 15.80 5.31
C ILE B 173 11.96 15.93 3.81
N ALA B 174 11.44 17.09 3.40
CA ALA B 174 11.21 17.44 2.00
C ALA B 174 12.37 18.27 1.44
N TYR B 175 12.77 17.98 0.21
CA TYR B 175 13.95 18.61 -0.34
C TYR B 175 13.98 18.52 -1.86
N GLN B 176 14.58 19.55 -2.45
CA GLN B 176 14.95 19.59 -3.87
C GLN B 176 16.46 19.48 -3.97
N GLU B 177 16.93 18.74 -4.96
CA GLU B 177 18.34 18.81 -5.31
C GLU B 177 18.34 18.85 -6.84
N PRO B 178 19.00 19.82 -7.47
CA PRO B 178 18.93 19.93 -8.93
C PRO B 178 19.67 18.77 -9.59
N ALA B 179 19.44 18.65 -10.89
CA ALA B 179 20.10 17.62 -11.67
C ALA B 179 21.59 17.88 -11.71
N ASP B 180 22.39 16.87 -11.48
CA ASP B 180 23.83 16.96 -11.58
C ASP B 180 24.40 17.84 -10.43
N ASP B 181 23.94 17.55 -9.21
CA ASP B 181 24.46 18.38 -8.10
C ASP B 181 24.73 17.52 -6.87
N SER B 182 26.00 17.21 -6.64
CA SER B 182 26.41 16.36 -5.54
C SER B 182 26.99 17.16 -4.37
N SER B 183 26.82 18.48 -4.35
CA SER B 183 26.99 19.24 -3.11
C SER B 183 26.11 18.73 -1.98
N PHE B 184 25.13 17.87 -2.29
CA PHE B 184 24.08 17.47 -1.36
C PHE B 184 24.39 16.11 -0.74
N SER B 185 24.43 16.05 0.59
CA SER B 185 24.63 14.79 1.30
C SER B 185 23.36 14.49 2.11
N LEU B 186 22.60 13.50 1.64
CA LEU B 186 21.40 13.07 2.33
C LEU B 186 21.72 12.60 3.75
N SER B 187 22.81 11.83 3.90
CA SER B 187 23.25 11.40 5.23
C SER B 187 23.56 12.60 6.13
N GLN B 188 24.32 13.57 5.63
CA GLN B 188 24.59 14.76 6.44
C GLN B 188 23.31 15.46 6.81
N GLU B 189 22.34 15.51 5.89
CA GLU B 189 21.11 16.21 6.21
C GLU B 189 20.30 15.47 7.26
N VAL B 190 20.15 14.16 7.11
CA VAL B 190 19.49 13.41 8.18
C VAL B 190 20.24 13.58 9.51
N LEU B 191 21.59 13.52 9.47
CA LEU B 191 22.36 13.70 10.71
C LEU B 191 22.06 15.06 11.35
N ARG B 192 21.91 16.11 10.52
CA ARG B 192 21.57 17.43 11.06
C ARG B 192 20.25 17.43 11.79
N HIS B 193 19.24 16.72 11.27
CA HIS B 193 17.95 16.65 11.96
C HIS B 193 18.07 15.81 13.22
N LEU B 194 18.78 14.70 13.16
CA LEU B 194 18.93 13.88 14.36
C LEU B 194 19.62 14.68 15.46
N ARG B 195 20.68 15.42 15.11
CA ARG B 195 21.41 16.21 16.10
C ARG B 195 20.52 17.31 16.69
N GLN B 196 19.65 17.95 15.87
CA GLN B 196 18.79 19.01 16.41
C GLN B 196 17.76 18.44 17.40
N GLU B 197 17.19 17.28 17.09
CA GLU B 197 16.31 16.56 18.04
C GLU B 197 17.14 15.80 19.09
C1 KT2 C . 2.94 1.49 2.70
C1 KT2 C . -1.22 -2.90 -1.26
C2 KT2 C . 2.88 0.26 3.28
C2 KT2 C . -0.14 -3.58 -0.80
C3 KT2 C . 4.03 -0.28 3.81
C3 KT2 C . -0.31 -4.83 -0.22
C4 KT2 C . 0.93 0.82 2.56
C4 KT2 C . 0.46 -1.67 -1.63
C5 KT2 C . -0.24 3.86 -0.04
C5 KT2 C . -1.91 1.67 -2.58
C6 KT2 C . 0.89 2.88 0.12
C6 KT2 C . -1.87 0.58 -1.53
C7 KT2 C . 1.43 3.09 1.54
C7 KT2 C . -1.80 -0.74 -2.31
C12 KT2 C . 0.16 -3.93 -0.60
C12 KT2 C . 3.04 -0.19 3.57
C11 KT2 C . -1.08 -3.45 -1.15
C11 KT2 C . 3.20 1.16 3.12
O11 KT2 C . 3.08 1.21 -1.57
O11 KT2 C . -2.51 -0.04 1.47
N8 KT2 C . 6.31 2.34 3.08
N8 KT2 C . -3.82 -5.07 -0.55
C9 KT2 C . -1.90 3.37 1.63
C9 KT2 C . 0.20 1.57 -3.78
O9 KT2 C . 1.77 3.11 -0.94
O9 KT2 C . -3.02 0.78 -0.74
N KT2 C . 5.16 0.40 3.74
N KT2 C . -1.53 -5.33 -0.14
C KT2 C . 5.19 1.60 3.18
C KT2 C . -2.56 -4.64 -0.60
O KT2 C . 4.02 -1.39 4.34
O KT2 C . 0.63 -5.49 0.21
C10 KT2 C . -2.17 -5.24 -0.23
C10 KT2 C . 5.45 1.01 3.48
C13 KT2 C . 0.12 -5.09 0.13
C13 KT2 C . 4.15 -0.86 3.96
C14 KT2 C . 0.55 -2.06 -1.72
C14 KT2 C . 1.07 0.62 3.03
C15 KT2 C . -1.94 0.40 -1.39
C15 KT2 C . 1.29 2.76 0.14
C16 KT2 C . -2.59 -0.96 -1.45
C16 KT2 C . 2.51 2.98 0.99
C17 KT2 C . -1.79 -1.59 -2.52
C17 KT2 C . 1.88 3.00 2.34
C18 KT2 C . -1.58 0.72 -2.84
C18 KT2 C . 0.13 3.34 0.91
C19 KT2 C . -0.39 1.67 -3.08
C19 KT2 C . -0.79 2.21 1.23
C21 KT2 C . 1.17 -3.02 -0.98
C21 KT2 C . 1.68 -0.49 3.51
C8 KT2 C . -0.65 4.15 1.36
C8 KT2 C . -1.23 1.05 -3.75
N1 KT2 C . 4.10 2.13 2.66
N1 KT2 C . -2.43 -3.44 -1.15
N2 KT2 C . 1.75 1.83 2.26
N2 KT2 C . -0.86 -1.74 -1.75
N3 KT2 C . 1.62 -0.13 3.19
N3 KT2 C . 0.90 -2.80 -1.04
N4 KT2 C . -1.05 -5.70 0.30
N4 KT2 C . 5.32 -0.24 3.89
N5 KT2 C . -2.21 -4.13 -0.95
N5 KT2 C . 4.41 1.72 3.10
N6 KT2 C . -0.76 -2.35 -1.81
N6 KT2 C . 1.98 1.59 2.82
N9 KT2 C . 1.20 -5.61 0.68
N9 KT2 C . 4.06 -2.12 4.38
O1 KT2 C . 0.41 3.76 2.22
O1 KT2 C . -1.34 -0.36 -3.58
O10 KT2 C . 0.09 5.10 -0.68
O10 KT2 C . -3.22 2.09 -3.01
O12 KT2 C . -2.68 -0.18 1.31
O12 KT2 C . 3.05 1.32 -1.51
O2 KT2 C . -1.64 2.03 1.28
O2 KT2 C . 0.89 1.25 -2.58
O3 KT2 C . -4.17 1.78 1.36
O3 KT2 C . 2.69 2.94 -3.36
O4 KT2 C . 2.60 2.92 -3.30
O4 KT2 C . -4.36 1.61 1.31
O5 KT2 C . -1.29 -0.55 -3.35
O5 KT2 C . 0.62 3.61 2.19
O6 KT2 C . -3.97 -0.98 -1.84
O6 KT2 C . 3.24 4.20 0.76
O7 KT2 C . -2.85 1.23 -0.75
O7 KT2 C . 1.52 3.26 -1.13
O8 KT2 C . 0.81 1.18 -2.51
O8 KT2 C . -2.11 2.42 0.97
P KT2 C . -2.84 1.15 0.82
P KT2 C . 2.08 2.18 -2.14
P1 KT2 C . 2.06 2.08 -2.09
P1 KT2 C . -2.96 1.13 0.79
H4 KT2 C . -0.12 0.78 2.33
H4 KT2 C . 1.08 -0.85 -1.93
H5 KT2 C . -1.08 3.37 -0.56
H5 KT2 C . -1.32 2.54 -2.23
H6 KT2 C . 0.48 1.86 0.04
H6 KT2 C . -0.96 0.69 -0.95
H7 KT2 C . 2.32 3.73 1.48
H7 KT2 C . -2.82 -1.16 -2.38
HN81 KT2 C . 7.18 1.99 3.44
HN81 KT2 C . -4.03 -5.97 -0.14
HN82 KT2 C . 6.27 3.23 2.63
HN82 KT2 C . -4.58 -4.49 -0.90
H92 KT2 C . -2.15 3.46 2.68
H92 KT2 C . 0.69 1.11 -4.63
H93 KT2 C . -2.72 3.76 1.03
H93 KT2 C . 0.20 2.64 -3.94
H KT2 C . 6.03 0.00 4.15
H KT2 C . -1.66 -6.24 0.30
H10 KT2 C . -3.08 -5.78 -0.07
H10 KT2 C . 6.44 1.46 3.45
H14 KT2 C . 1.04 -1.21 -2.18
H14 KT2 C . 0.01 0.64 2.90
H15 KT2 C . -1.02 0.32 -0.81
H15 KT2 C . 1.18 1.68 0.05
H16 KT2 C . -2.45 -1.47 -0.50
H16 KT2 C . 3.18 2.13 0.84
H17 KT2 C . -2.43 -2.27 -3.11
H17 KT2 C . 2.51 3.62 3.00
H18 KT2 C . -2.48 1.13 -3.34
H18 KT2 C . -0.37 4.19 0.42
H192 KT2 C . -0.26 1.81 -4.15
H192 KT2 C . -0.48 1.23 0.89
H193 KT2 C . -0.63 2.65 -2.66
H193 KT2 C . -0.80 2.20 2.31
H21 KT2 C . 2.17 -3.23 -0.66
H21 KT2 C . 1.37 -1.48 3.81
H8 KT2 C . -0.88 5.23 1.43
H8 KT2 C . -1.74 1.40 -4.65
HN92 KT2 C . 2.06 -5.14 0.53
HN92 KT2 C . 3.16 -2.57 4.42
HN91 KT2 C . 1.19 -6.46 1.22
HN91 KT2 C . 4.86 -2.65 4.66
HO1 KT2 C . 1.03 5.26 -0.56
HO1 KT2 C . -3.80 1.33 -2.93
H3 KT2 C . -4.43 1.63 2.29
H3 KT2 C . 3.30 2.49 -3.95
HO4 KT2 C . 1.99 3.18 -4.00
HO4 KT2 C . -4.55 1.59 2.26
HO6 KT2 C . -4.12 -0.36 -2.57
HO6 KT2 C . 3.92 4.31 1.45
#